data_6D9E
#
_entry.id   6D9E
#
_cell.length_a   97.170
_cell.length_b   97.170
_cell.length_c   128.860
_cell.angle_alpha   90.000
_cell.angle_beta   90.000
_cell.angle_gamma   90.000
#
_symmetry.space_group_name_H-M   'P 41 21 2'
#
loop_
_entity.id
_entity.type
_entity.pdbx_description
1 polymer 'UDP-galactopyranose mutase'
2 non-polymer 'DIHYDROFLAVINE-ADENINE DINUCLEOTIDE'
3 non-polymer URIDINE-DIPHOSPHATE-N-ACETYLGLUCOSAMINE
4 non-polymer 'SODIUM ION'
5 non-polymer 'ISOPROPYL ALCOHOL'
6 non-polymer 'SULFATE ION'
7 water water
#
_entity_poly.entity_id   1
_entity_poly.type   'polypeptide(L)'
_entity_poly.pdbx_seq_one_letter_code
;MSDFDLIVVGSGLFGLTVAERAASQLGKKVLIVEKRSHLGGNAYSEAEPETGIEIHKYGAHLFHTSNKRVWDYVNQFTAF
TGYQHRVFAMHNGTAYQFPMGLGLINQFFGRYYTPDEARELIKEQSAEIDSKDATNLEEKAISLIGRPLYEAFIRDYTAK
QWQTDPKELPAGNITRLPVRYNFDNRYFNDTYEGLPVDGYAQWLSNMADHENIEVRLDTDWFEVREDLRAQNPEAPVVYT
GPLDRYFDYSEGHLGWRTLDFETEVLNTGDFQGTPVMNYNDAEFPYTRIHEFRHFHPEREDRHPKDKTVIMKEYSRFAEE
GDEPYYPINTPSDREMLFKYRELADAETESGKVYFGGRLGTYQYLDMHMAIASALSMFDNKLVDALKHHHHHH
;
_entity_poly.pdbx_strand_id   A
#
loop_
_chem_comp.id
_chem_comp.type
_chem_comp.name
_chem_comp.formula
FDA non-polymer 'DIHYDROFLAVINE-ADENINE DINUCLEOTIDE' 'C27 H35 N9 O15 P2'
IPA non-polymer 'ISOPROPYL ALCOHOL' 'C3 H8 O'
NA non-polymer 'SODIUM ION' 'Na 1'
SO4 non-polymer 'SULFATE ION' 'O4 S -2'
UD1 non-polymer URIDINE-DIPHOSPHATE-N-ACETYLGLUCOSAMINE 'C17 H27 N3 O17 P2'
#
# COMPACT_ATOMS: atom_id res chain seq x y z
N SER A 2 20.36 -17.74 25.51
CA SER A 2 20.21 -18.09 24.09
C SER A 2 20.80 -17.03 23.18
N ASP A 3 20.98 -17.40 21.90
CA ASP A 3 21.54 -16.47 20.93
C ASP A 3 20.44 -15.55 20.46
N PHE A 4 19.21 -16.03 20.52
CA PHE A 4 18.05 -15.21 20.23
C PHE A 4 16.86 -15.63 21.09
N ASP A 5 15.95 -14.70 21.32
CA ASP A 5 14.75 -14.93 22.15
C ASP A 5 13.47 -14.91 21.32
N LEU A 6 13.54 -14.33 20.13
CA LEU A 6 12.40 -14.16 19.26
C LEU A 6 12.86 -14.28 17.83
N ILE A 7 12.10 -15.00 17.01
CA ILE A 7 12.36 -15.09 15.57
C ILE A 7 11.27 -14.35 14.80
N VAL A 8 11.67 -13.42 13.94
CA VAL A 8 10.69 -12.68 13.13
C VAL A 8 10.91 -13.02 11.65
N VAL A 9 9.90 -13.59 11.01
CA VAL A 9 10.01 -13.90 9.59
C VAL A 9 9.47 -12.74 8.76
N GLY A 10 10.38 -12.09 8.05
CA GLY A 10 9.99 -11.01 7.14
C GLY A 10 10.47 -9.72 7.75
N SER A 11 10.93 -8.79 6.91
CA SER A 11 11.48 -7.54 7.41
C SER A 11 10.74 -6.33 6.84
N GLY A 12 9.46 -6.51 6.54
CA GLY A 12 8.61 -5.37 6.24
C GLY A 12 8.25 -4.62 7.54
N LEU A 13 7.36 -3.64 7.40
CA LEU A 13 7.01 -2.80 8.55
C LEU A 13 6.46 -3.61 9.69
N PHE A 14 5.66 -4.63 9.39
CA PHE A 14 5.13 -5.43 10.47
C PHE A 14 6.24 -6.11 11.22
N GLY A 15 7.03 -6.93 10.52
CA GLY A 15 8.16 -7.58 11.15
C GLY A 15 9.05 -6.60 11.92
N LEU A 16 9.54 -5.57 11.23
CA LEU A 16 10.45 -4.60 11.86
C LEU A 16 9.86 -3.98 13.13
N THR A 17 8.54 -3.75 13.15
CA THR A 17 7.98 -3.08 14.32
C THR A 17 8.01 -4.03 15.51
N VAL A 18 7.53 -5.25 15.34
CA VAL A 18 7.65 -6.28 16.36
C VAL A 18 9.11 -6.46 16.85
N ALA A 19 10.05 -6.56 15.92
CA ALA A 19 11.47 -6.69 16.24
C ALA A 19 11.97 -5.55 17.13
N GLU A 20 11.83 -4.31 16.64
CA GLU A 20 12.29 -3.15 17.37
C GLU A 20 11.68 -3.07 18.78
N ARG A 21 10.37 -3.34 18.91
CA ARG A 21 9.74 -3.29 20.21
C ARG A 21 10.31 -4.37 21.13
N ALA A 22 10.46 -5.59 20.61
CA ALA A 22 11.03 -6.64 21.44
C ALA A 22 12.46 -6.27 21.86
N ALA A 23 13.26 -5.77 20.92
CA ALA A 23 14.63 -5.38 21.25
C ALA A 23 14.72 -4.24 22.27
N SER A 24 14.02 -3.14 22.04
CA SER A 24 14.20 -1.96 22.89
C SER A 24 13.33 -1.91 24.15
N GLN A 25 12.19 -2.59 24.17
CA GLN A 25 11.31 -2.51 25.33
C GLN A 25 11.45 -3.70 26.25
N LEU A 26 11.68 -4.88 25.67
CA LEU A 26 11.81 -6.08 26.49
C LEU A 26 13.27 -6.49 26.67
N GLY A 27 14.16 -5.86 25.90
CA GLY A 27 15.57 -6.16 25.94
C GLY A 27 15.94 -7.53 25.37
N LYS A 28 15.01 -8.17 24.66
CA LYS A 28 15.22 -9.53 24.11
C LYS A 28 16.09 -9.52 22.86
N LYS A 29 16.80 -10.63 22.61
CA LYS A 29 17.59 -10.81 21.38
C LYS A 29 16.66 -11.25 20.23
N VAL A 30 16.72 -10.55 19.10
CA VAL A 30 15.75 -10.82 18.05
C VAL A 30 16.44 -11.19 16.77
N LEU A 31 16.07 -12.33 16.19
CA LEU A 31 16.60 -12.72 14.91
C LEU A 31 15.56 -12.49 13.82
N ILE A 32 15.92 -11.67 12.83
CA ILE A 32 15.04 -11.42 11.68
C ILE A 32 15.54 -12.18 10.47
N VAL A 33 14.62 -12.96 9.90
CA VAL A 33 14.85 -13.78 8.72
C VAL A 33 14.13 -13.24 7.48
N GLU A 34 14.87 -12.74 6.49
CA GLU A 34 14.27 -12.20 5.27
C GLU A 34 14.64 -12.97 3.99
N LYS A 35 13.61 -13.42 3.25
CA LYS A 35 13.81 -14.07 1.94
C LYS A 35 14.58 -13.19 0.90
N ARG A 36 14.21 -11.93 0.75
CA ARG A 36 14.83 -11.06 -0.25
C ARG A 36 16.28 -10.68 0.09
N SER A 37 16.89 -9.87 -0.76
CA SER A 37 18.25 -9.41 -0.51
C SER A 37 18.28 -8.04 0.16
N HIS A 38 17.10 -7.40 0.21
CA HIS A 38 16.93 -6.04 0.68
C HIS A 38 16.20 -6.11 2.01
N LEU A 39 16.44 -5.14 2.88
CA LEU A 39 15.66 -4.99 4.11
C LEU A 39 14.46 -4.07 3.92
N GLY A 40 13.32 -4.36 4.53
CA GLY A 40 12.23 -3.41 4.45
C GLY A 40 10.92 -3.83 3.81
N GLY A 41 10.88 -4.99 3.18
CA GLY A 41 9.65 -5.46 2.58
C GLY A 41 9.19 -4.52 1.47
N ASN A 42 7.89 -4.54 1.19
CA ASN A 42 7.36 -3.82 0.05
C ASN A 42 7.46 -2.30 0.13
N ALA A 43 7.86 -1.77 1.29
CA ALA A 43 8.07 -0.33 1.44
C ALA A 43 9.43 0.15 0.90
N TYR A 44 10.32 -0.79 0.63
CA TYR A 44 11.70 -0.51 0.23
C TYR A 44 11.84 0.39 -1.01
N SER A 45 12.85 1.25 -0.97
CA SER A 45 13.23 2.10 -2.09
C SER A 45 14.74 2.02 -2.35
N GLU A 46 15.13 2.18 -3.61
CA GLU A 46 16.56 2.26 -3.92
C GLU A 46 16.77 3.34 -4.95
N ALA A 47 18.00 3.81 -5.08
CA ALA A 47 18.28 4.83 -6.07
C ALA A 47 18.33 4.19 -7.45
N GLU A 48 17.65 4.76 -8.42
CA GLU A 48 17.87 4.35 -9.80
C GLU A 48 19.33 4.67 -10.11
N PRO A 49 20.05 3.71 -10.74
CA PRO A 49 21.50 3.81 -10.89
C PRO A 49 21.99 4.94 -11.83
N GLU A 50 21.31 5.18 -12.94
CA GLU A 50 21.75 6.24 -13.86
C GLU A 50 21.66 7.68 -13.27
N THR A 51 20.50 8.01 -12.69
CA THR A 51 20.19 9.38 -12.25
C THR A 51 20.33 9.66 -10.74
N GLY A 52 20.31 8.59 -9.94
CA GLY A 52 20.41 8.70 -8.49
C GLY A 52 19.08 8.98 -7.79
N ILE A 53 18.01 9.10 -8.56
CA ILE A 53 16.70 9.40 -8.02
C ILE A 53 16.12 8.20 -7.29
N GLU A 54 15.59 8.44 -6.09
CA GLU A 54 14.95 7.39 -5.29
C GLU A 54 13.64 6.96 -5.94
N ILE A 55 13.48 5.64 -6.12
CA ILE A 55 12.24 5.06 -6.64
C ILE A 55 11.79 3.98 -5.67
N HIS A 56 10.48 3.76 -5.60
CA HIS A 56 9.95 2.70 -4.76
C HIS A 56 9.61 1.56 -5.75
N LYS A 57 10.20 0.37 -5.57
CA LYS A 57 10.10 -0.66 -6.61
C LYS A 57 9.00 -1.67 -6.28
N TYR A 58 8.15 -1.39 -5.28
CA TYR A 58 6.96 -2.23 -5.10
C TYR A 58 5.70 -1.36 -5.05
N GLY A 59 5.73 -0.26 -5.80
CA GLY A 59 4.62 0.68 -5.87
C GLY A 59 5.04 1.96 -5.20
N ALA A 60 4.46 3.08 -5.59
CA ALA A 60 4.69 4.34 -4.87
C ALA A 60 4.11 4.26 -3.43
N HIS A 61 4.92 4.62 -2.44
CA HIS A 61 4.46 4.68 -1.05
C HIS A 61 4.40 6.09 -0.48
N LEU A 62 3.18 6.53 -0.17
CA LEU A 62 2.95 7.81 0.47
C LEU A 62 2.55 7.58 1.92
N PHE A 63 3.29 8.18 2.85
CA PHE A 63 2.99 7.99 4.27
C PHE A 63 2.00 9.02 4.82
N HIS A 64 0.89 8.54 5.38
CA HIS A 64 -0.11 9.44 5.95
C HIS A 64 -0.83 8.77 7.14
N THR A 65 -0.98 9.49 8.25
CA THR A 65 -1.78 8.92 9.32
C THR A 65 -2.45 9.98 10.19
N SER A 66 -3.52 9.58 10.88
CA SER A 66 -4.17 10.40 11.90
C SER A 66 -3.99 9.76 13.27
N ASN A 67 -3.13 8.74 13.31
CA ASN A 67 -2.91 7.98 14.52
C ASN A 67 -1.67 8.50 15.25
N LYS A 68 -1.86 9.41 16.19
CA LYS A 68 -0.74 10.09 16.85
C LYS A 68 0.32 9.11 17.40
N ARG A 69 -0.12 7.96 17.86
CA ARG A 69 0.80 7.02 18.48
C ARG A 69 1.76 6.50 17.43
N VAL A 70 1.20 5.99 16.34
CA VAL A 70 1.99 5.59 15.18
C VAL A 70 2.93 6.71 14.73
N TRP A 71 2.43 7.93 14.63
CA TRP A 71 3.22 9.05 14.12
C TRP A 71 4.43 9.32 15.01
N ASP A 72 4.21 9.37 16.32
CA ASP A 72 5.30 9.62 17.28
C ASP A 72 6.33 8.52 17.23
N TYR A 73 5.84 7.30 17.16
CA TYR A 73 6.68 6.13 17.00
C TYR A 73 7.62 6.27 15.79
N VAL A 74 7.08 6.30 14.57
CA VAL A 74 7.94 6.34 13.39
C VAL A 74 8.89 7.52 13.37
N ASN A 75 8.62 8.59 14.11
CA ASN A 75 9.54 9.71 14.06
C ASN A 75 10.79 9.47 14.89
N GLN A 76 10.76 8.39 15.67
CA GLN A 76 11.95 7.90 16.35
C GLN A 76 13.01 7.45 15.33
N PHE A 77 12.57 6.92 14.19
CA PHE A 77 13.52 6.32 13.23
C PHE A 77 13.81 7.15 11.99
N THR A 78 13.00 8.17 11.78
CA THR A 78 13.19 9.01 10.62
C THR A 78 12.41 10.28 10.76
N ALA A 79 12.91 11.33 10.14
CA ALA A 79 12.15 12.57 10.03
C ALA A 79 11.36 12.50 8.73
N PHE A 80 10.27 13.29 8.64
CA PHE A 80 9.48 13.34 7.41
C PHE A 80 9.52 14.71 6.80
N THR A 81 9.34 14.78 5.48
CA THR A 81 9.23 16.05 4.79
C THR A 81 7.80 16.60 4.87
N GLY A 82 7.61 17.80 4.37
CA GLY A 82 6.31 18.41 4.45
C GLY A 82 5.47 18.08 3.25
N TYR A 83 5.96 17.15 2.45
CA TYR A 83 5.29 16.72 1.22
C TYR A 83 3.80 16.52 1.45
N GLN A 84 2.98 17.13 0.61
CA GLN A 84 1.56 16.78 0.58
C GLN A 84 1.23 16.18 -0.76
N HIS A 85 0.59 15.02 -0.76
CA HIS A 85 0.24 14.37 -2.00
C HIS A 85 -0.89 15.08 -2.76
N ARG A 86 -0.67 15.31 -4.05
CA ARG A 86 -1.74 15.76 -4.96
C ARG A 86 -1.70 14.95 -6.25
N VAL A 87 -2.87 14.72 -6.85
CA VAL A 87 -3.00 13.87 -8.04
C VAL A 87 -3.73 14.62 -9.13
N PHE A 88 -3.35 14.42 -10.40
CA PHE A 88 -4.13 14.94 -11.54
C PHE A 88 -4.64 13.78 -12.41
N ALA A 89 -5.76 13.99 -13.10
CA ALA A 89 -6.44 12.93 -13.86
C ALA A 89 -6.53 13.27 -15.33
N MET A 90 -5.86 12.45 -16.16
CA MET A 90 -5.74 12.70 -17.60
C MET A 90 -6.89 12.08 -18.38
N HIS A 91 -7.67 12.93 -19.05
CA HIS A 91 -8.86 12.52 -19.80
C HIS A 91 -9.10 13.39 -21.03
N ASN A 92 -9.06 12.75 -22.21
CA ASN A 92 -9.19 13.41 -23.52
C ASN A 92 -8.20 14.55 -23.69
N GLY A 93 -6.92 14.26 -23.41
CA GLY A 93 -5.85 15.21 -23.63
C GLY A 93 -5.83 16.40 -22.69
N THR A 94 -6.59 16.32 -21.60
CA THR A 94 -6.58 17.38 -20.59
C THR A 94 -6.29 16.81 -19.19
N ALA A 95 -5.35 17.45 -18.49
CA ALA A 95 -5.08 17.16 -17.09
C ALA A 95 -6.15 17.80 -16.19
N TYR A 96 -6.93 16.97 -15.50
CA TYR A 96 -7.98 17.50 -14.64
C TYR A 96 -7.53 17.54 -13.17
N GLN A 97 -7.88 18.61 -12.47
CA GLN A 97 -7.71 18.64 -11.02
C GLN A 97 -8.47 17.47 -10.42
N PHE A 98 -7.94 16.89 -9.36
CA PHE A 98 -8.43 15.63 -8.81
C PHE A 98 -8.13 15.57 -7.33
N PRO A 99 -8.95 14.85 -6.55
CA PRO A 99 -10.22 14.23 -6.91
C PRO A 99 -11.34 15.22 -7.24
N MET A 100 -12.53 14.66 -7.44
CA MET A 100 -13.68 15.43 -7.88
C MET A 100 -14.10 16.50 -6.88
N GLY A 101 -13.91 17.76 -7.27
CA GLY A 101 -14.31 18.90 -6.46
C GLY A 101 -14.66 20.02 -7.39
N LEU A 102 -14.81 21.22 -6.87
CA LEU A 102 -15.13 22.38 -7.71
C LEU A 102 -14.10 22.52 -8.83
N GLY A 103 -12.84 22.16 -8.55
CA GLY A 103 -11.81 22.21 -9.57
C GLY A 103 -12.15 21.39 -10.81
N LEU A 104 -12.33 20.09 -10.63
CA LEU A 104 -12.64 19.22 -11.75
C LEU A 104 -13.98 19.61 -12.39
N ILE A 105 -14.95 19.98 -11.56
CA ILE A 105 -16.27 20.34 -12.04
C ILE A 105 -16.23 21.52 -13.01
N ASN A 106 -15.47 22.54 -12.65
CA ASN A 106 -15.31 23.68 -13.54
C ASN A 106 -14.77 23.22 -14.90
N GLN A 107 -13.65 22.50 -14.90
CA GLN A 107 -13.00 22.12 -16.15
C GLN A 107 -13.84 21.23 -17.05
N PHE A 108 -14.59 20.33 -16.43
CA PHE A 108 -15.36 19.32 -17.14
C PHE A 108 -16.67 19.85 -17.71
N PHE A 109 -17.44 20.57 -16.88
CA PHE A 109 -18.75 21.09 -17.28
C PHE A 109 -18.74 22.51 -17.91
N GLY A 110 -17.56 23.11 -18.08
CA GLY A 110 -17.45 24.34 -18.86
C GLY A 110 -17.33 25.65 -18.12
N ARG A 111 -17.77 25.71 -16.87
CA ARG A 111 -17.75 26.97 -16.14
C ARG A 111 -17.74 26.76 -14.62
N TYR A 112 -17.61 27.84 -13.86
CA TYR A 112 -17.47 27.73 -12.40
C TYR A 112 -18.82 27.51 -11.75
N TYR A 113 -18.81 26.64 -10.76
CA TYR A 113 -19.99 26.37 -9.96
C TYR A 113 -19.64 26.71 -8.53
N THR A 114 -20.49 27.45 -7.84
CA THR A 114 -20.25 27.73 -6.44
C THR A 114 -20.49 26.44 -5.68
N PRO A 115 -20.01 26.36 -4.42
CA PRO A 115 -20.22 25.12 -3.67
C PRO A 115 -21.69 24.69 -3.69
N ASP A 116 -22.62 25.60 -3.37
CA ASP A 116 -24.06 25.30 -3.42
C ASP A 116 -24.53 24.88 -4.81
N GLU A 117 -24.09 25.63 -5.83
CA GLU A 117 -24.40 25.31 -7.23
C GLU A 117 -23.94 23.89 -7.59
N ALA A 118 -22.84 23.43 -6.99
CA ALA A 118 -22.30 22.11 -7.34
C ALA A 118 -23.03 20.98 -6.63
N ARG A 119 -23.51 21.23 -5.41
CA ARG A 119 -24.35 20.22 -4.73
C ARG A 119 -25.58 19.96 -5.60
N GLU A 120 -26.17 21.04 -6.12
CA GLU A 120 -27.36 20.94 -6.93
C GLU A 120 -27.05 20.24 -8.27
N LEU A 121 -25.94 20.62 -8.91
CA LEU A 121 -25.49 19.95 -10.11
C LEU A 121 -25.38 18.43 -9.94
N ILE A 122 -24.76 18.02 -8.84
CA ILE A 122 -24.62 16.60 -8.55
C ILE A 122 -25.97 15.94 -8.26
N LYS A 123 -26.86 16.66 -7.54
CA LYS A 123 -28.18 16.12 -7.23
C LYS A 123 -28.94 15.70 -8.50
N GLU A 124 -28.87 16.53 -9.54
CA GLU A 124 -29.52 16.26 -10.83
C GLU A 124 -28.87 15.14 -11.60
N GLN A 125 -27.56 15.23 -11.78
CA GLN A 125 -26.84 14.22 -12.54
C GLN A 125 -27.06 12.81 -11.99
N SER A 126 -27.26 12.71 -10.68
CA SER A 126 -27.19 11.44 -9.99
C SER A 126 -28.55 10.86 -9.61
N ALA A 127 -29.60 11.62 -9.93
CA ALA A 127 -30.95 11.20 -9.57
C ALA A 127 -31.49 10.14 -10.55
N GLU A 128 -30.76 9.91 -11.65
CA GLU A 128 -31.08 8.83 -12.59
C GLU A 128 -31.24 7.49 -11.87
N ILE A 129 -30.42 7.25 -10.83
CA ILE A 129 -30.54 6.04 -10.05
C ILE A 129 -30.50 6.32 -8.56
N ASP A 130 -31.46 5.77 -7.83
CA ASP A 130 -31.43 5.88 -6.38
C ASP A 130 -30.45 4.84 -5.86
N SER A 131 -29.74 5.22 -4.81
CA SER A 131 -28.60 4.45 -4.35
C SER A 131 -28.96 3.08 -3.78
N LYS A 132 -30.05 3.00 -3.00
CA LYS A 132 -30.43 1.74 -2.38
C LYS A 132 -30.89 0.67 -3.41
N ASP A 133 -31.04 1.07 -4.68
CA ASP A 133 -31.62 0.19 -5.71
C ASP A 133 -30.59 -0.17 -6.77
N ALA A 134 -29.32 -0.08 -6.37
CA ALA A 134 -28.17 -0.34 -7.24
C ALA A 134 -27.68 -1.77 -7.07
N THR A 135 -27.38 -2.43 -8.19
CA THR A 135 -26.96 -3.83 -8.18
C THR A 135 -25.45 -4.06 -8.36
N ASN A 136 -24.86 -3.42 -9.37
CA ASN A 136 -23.41 -3.52 -9.57
C ASN A 136 -22.70 -2.18 -9.38
N LEU A 137 -21.41 -2.15 -9.71
CA LEU A 137 -20.57 -0.97 -9.45
C LEU A 137 -20.87 0.21 -10.36
N GLU A 138 -21.08 -0.05 -11.65
CA GLU A 138 -21.47 1.00 -12.59
C GLU A 138 -22.71 1.73 -12.06
N GLU A 139 -23.74 0.98 -11.70
CA GLU A 139 -24.96 1.57 -11.17
C GLU A 139 -24.71 2.38 -9.90
N LYS A 140 -24.01 1.78 -8.94
CA LYS A 140 -23.75 2.43 -7.65
C LYS A 140 -23.10 3.81 -7.84
N ALA A 141 -22.10 3.83 -8.71
CA ALA A 141 -21.34 5.05 -9.02
C ALA A 141 -22.22 6.09 -9.72
N ILE A 142 -22.88 5.65 -10.78
CA ILE A 142 -23.83 6.51 -11.50
C ILE A 142 -24.86 7.06 -10.54
N SER A 143 -25.28 6.22 -9.61
CA SER A 143 -26.25 6.59 -8.58
C SER A 143 -25.78 7.71 -7.67
N LEU A 144 -24.45 7.81 -7.49
CA LEU A 144 -23.85 8.85 -6.64
C LEU A 144 -23.36 10.12 -7.39
N ILE A 145 -22.88 9.99 -8.62
CA ILE A 145 -22.36 11.15 -9.32
C ILE A 145 -22.91 11.34 -10.75
N GLY A 146 -23.76 10.43 -11.20
CA GLY A 146 -24.33 10.54 -12.53
C GLY A 146 -23.45 9.97 -13.62
N ARG A 147 -24.03 9.75 -14.80
CA ARG A 147 -23.30 9.10 -15.89
C ARG A 147 -22.11 9.88 -16.47
N PRO A 148 -22.27 11.19 -16.75
CA PRO A 148 -21.17 11.92 -17.39
C PRO A 148 -19.84 11.82 -16.64
N LEU A 149 -19.85 12.16 -15.35
CA LEU A 149 -18.67 12.02 -14.50
C LEU A 149 -18.21 10.57 -14.40
N TYR A 150 -19.13 9.66 -14.11
CA TYR A 150 -18.79 8.23 -13.98
C TYR A 150 -18.07 7.72 -15.21
N GLU A 151 -18.58 8.04 -16.40
CA GLU A 151 -18.04 7.46 -17.61
C GLU A 151 -16.70 8.06 -18.02
N ALA A 152 -16.48 9.32 -17.61
CA ALA A 152 -15.24 10.02 -17.93
C ALA A 152 -14.10 9.75 -16.94
N PHE A 153 -14.43 9.38 -15.70
CA PHE A 153 -13.40 9.33 -14.66
C PHE A 153 -13.32 8.05 -13.86
N ILE A 154 -14.32 7.20 -13.97
CA ILE A 154 -14.32 6.00 -13.17
C ILE A 154 -14.34 4.74 -14.02
N ARG A 155 -15.14 4.74 -15.09
CA ARG A 155 -15.38 3.52 -15.84
C ARG A 155 -14.08 2.85 -16.33
N ASP A 156 -13.37 3.49 -17.25
CA ASP A 156 -12.18 2.87 -17.83
C ASP A 156 -11.11 2.64 -16.79
N TYR A 157 -10.98 3.59 -15.86
CA TYR A 157 -9.94 3.49 -14.83
C TYR A 157 -10.18 2.26 -13.96
N THR A 158 -11.42 2.10 -13.49
CA THR A 158 -11.78 0.95 -12.68
C THR A 158 -11.58 -0.32 -13.48
N ALA A 159 -11.96 -0.28 -14.75
CA ALA A 159 -11.91 -1.47 -15.57
C ALA A 159 -10.47 -1.94 -15.77
N LYS A 160 -9.53 -0.99 -15.78
CA LYS A 160 -8.11 -1.34 -15.92
C LYS A 160 -7.53 -1.96 -14.66
N GLN A 161 -7.84 -1.35 -13.52
CA GLN A 161 -7.36 -1.83 -12.23
C GLN A 161 -7.78 -3.25 -11.97
N TRP A 162 -9.02 -3.59 -12.33
CA TRP A 162 -9.56 -4.90 -12.02
C TRP A 162 -9.75 -5.83 -13.22
N GLN A 163 -9.39 -5.39 -14.43
CA GLN A 163 -9.62 -6.21 -15.64
C GLN A 163 -11.05 -6.75 -15.75
N THR A 164 -12.06 -5.87 -15.69
CA THR A 164 -13.46 -6.33 -15.64
C THR A 164 -14.46 -5.21 -15.90
N ASP A 165 -15.56 -5.51 -16.59
CA ASP A 165 -16.58 -4.48 -16.71
C ASP A 165 -17.25 -4.26 -15.37
N PRO A 166 -17.27 -3.00 -14.92
CA PRO A 166 -17.90 -2.53 -13.68
C PRO A 166 -19.31 -3.09 -13.44
N LYS A 167 -20.08 -3.33 -14.51
CA LYS A 167 -21.39 -3.98 -14.36
C LYS A 167 -21.23 -5.38 -13.76
N GLU A 168 -20.06 -5.97 -13.93
CA GLU A 168 -19.80 -7.28 -13.34
C GLU A 168 -19.13 -7.13 -11.95
N LEU A 169 -19.12 -5.92 -11.41
CA LEU A 169 -18.49 -5.65 -10.12
C LEU A 169 -19.50 -5.29 -9.02
N PRO A 170 -19.24 -5.76 -7.80
CA PRO A 170 -20.05 -5.56 -6.59
C PRO A 170 -20.45 -4.10 -6.31
N ALA A 171 -21.69 -3.87 -5.92
CA ALA A 171 -22.16 -2.51 -5.61
C ALA A 171 -21.57 -1.97 -4.30
N GLY A 172 -21.19 -2.87 -3.40
CA GLY A 172 -20.70 -2.46 -2.08
C GLY A 172 -19.31 -1.83 -2.07
N ASN A 173 -18.71 -1.70 -3.26
CA ASN A 173 -17.34 -1.20 -3.40
C ASN A 173 -17.26 0.32 -3.37
N ILE A 174 -18.33 1.02 -3.73
CA ILE A 174 -18.39 2.45 -3.45
C ILE A 174 -19.27 2.72 -2.22
N THR A 175 -18.72 3.38 -1.21
CA THR A 175 -19.43 3.49 0.06
C THR A 175 -19.77 4.96 0.44
N ARG A 176 -18.92 5.92 0.08
CA ARG A 176 -19.27 7.32 0.29
C ARG A 176 -19.30 8.09 -1.04
N LEU A 177 -19.83 9.32 -0.99
CA LEU A 177 -19.85 10.22 -2.15
C LEU A 177 -18.43 10.74 -2.45
N PRO A 178 -17.91 10.39 -3.63
CA PRO A 178 -16.55 10.80 -3.98
C PRO A 178 -16.38 12.26 -4.46
N VAL A 179 -17.16 13.21 -3.94
CA VAL A 179 -17.02 14.60 -4.38
C VAL A 179 -16.83 15.59 -3.22
N ARG A 180 -15.93 16.55 -3.41
CA ARG A 180 -15.75 17.67 -2.46
C ARG A 180 -16.41 18.91 -3.02
N TYR A 181 -17.09 19.68 -2.17
CA TYR A 181 -17.70 20.91 -2.66
C TYR A 181 -16.83 22.11 -2.29
N ASN A 182 -15.53 21.98 -2.56
CA ASN A 182 -14.57 23.07 -2.44
C ASN A 182 -13.41 22.87 -3.39
N PHE A 183 -12.39 23.71 -3.30
CA PHE A 183 -11.21 23.61 -4.16
C PHE A 183 -10.05 22.94 -3.46
N ASP A 184 -10.33 22.20 -2.42
CA ASP A 184 -9.25 21.58 -1.68
C ASP A 184 -8.86 20.29 -2.36
N ASN A 185 -7.68 20.25 -2.99
CA ASN A 185 -7.25 19.02 -3.67
C ASN A 185 -6.05 18.31 -3.01
N ARG A 186 -5.89 18.48 -1.69
CA ARG A 186 -5.09 17.53 -0.90
C ARG A 186 -5.59 16.14 -1.16
N TYR A 187 -4.74 15.21 -1.53
CA TYR A 187 -5.30 13.91 -1.86
C TYR A 187 -5.76 13.15 -0.62
N PHE A 188 -5.02 13.25 0.48
CA PHE A 188 -5.34 12.52 1.73
C PHE A 188 -5.93 13.44 2.82
N ASN A 189 -6.94 12.98 3.59
CA ASN A 189 -7.46 13.78 4.70
C ASN A 189 -6.84 13.48 6.07
N ASP A 190 -5.61 13.01 6.16
CA ASP A 190 -5.11 12.64 7.48
C ASP A 190 -4.28 13.74 8.15
N THR A 191 -4.15 13.65 9.47
CA THR A 191 -3.51 14.70 10.27
C THR A 191 -2.03 14.85 9.95
N TYR A 192 -1.35 13.74 9.82
CA TYR A 192 0.07 13.75 9.63
C TYR A 192 0.40 13.11 8.27
N GLU A 193 1.30 13.76 7.54
CA GLU A 193 1.68 13.30 6.21
C GLU A 193 3.06 13.81 5.78
N GLY A 194 3.87 12.87 5.25
CA GLY A 194 5.16 13.20 4.67
C GLY A 194 5.89 12.01 4.05
N LEU A 195 7.06 12.29 3.49
CA LEU A 195 7.97 11.26 2.99
C LEU A 195 9.21 11.23 3.87
N PRO A 196 9.78 10.04 4.13
CA PRO A 196 11.00 9.92 4.95
C PRO A 196 12.13 10.71 4.32
N VAL A 197 12.77 11.58 5.08
CA VAL A 197 13.72 12.54 4.52
C VAL A 197 14.88 11.89 3.79
N ASP A 198 15.47 10.83 4.37
CA ASP A 198 16.56 10.11 3.71
C ASP A 198 16.09 8.87 2.96
N GLY A 199 14.82 8.88 2.54
CA GLY A 199 14.24 7.76 1.83
C GLY A 199 13.77 6.63 2.73
N TYR A 200 13.08 5.67 2.13
CA TYR A 200 12.53 4.57 2.88
C TYR A 200 13.57 3.58 3.39
N ALA A 201 14.51 3.21 2.52
CA ALA A 201 15.54 2.24 2.88
C ALA A 201 16.22 2.66 4.17
N GLN A 202 16.61 3.93 4.21
CA GLN A 202 17.30 4.47 5.37
C GLN A 202 16.43 4.35 6.63
N TRP A 203 15.14 4.64 6.49
CA TRP A 203 14.24 4.58 7.62
C TRP A 203 14.08 3.13 8.13
N LEU A 204 13.75 2.21 7.22
CA LEU A 204 13.54 0.81 7.60
C LEU A 204 14.82 0.24 8.22
N SER A 205 15.93 0.59 7.62
CA SER A 205 17.20 0.10 8.07
C SER A 205 17.49 0.63 9.48
N ASN A 206 17.02 1.84 9.77
CA ASN A 206 17.22 2.40 11.11
C ASN A 206 16.41 1.65 12.14
N MET A 207 15.31 1.05 11.71
CA MET A 207 14.50 0.30 12.67
C MET A 207 15.24 -0.96 13.14
N ALA A 208 16.01 -1.59 12.24
CA ALA A 208 16.71 -2.83 12.56
C ALA A 208 18.09 -2.58 13.19
N ASP A 209 18.56 -1.34 13.09
CA ASP A 209 19.80 -0.95 13.75
C ASP A 209 19.67 -0.92 15.29
N HIS A 210 19.80 -2.09 15.92
CA HIS A 210 19.74 -2.19 17.37
C HIS A 210 20.68 -3.31 17.83
N GLU A 211 21.37 -3.10 18.95
CA GLU A 211 22.37 -4.07 19.40
C GLU A 211 21.77 -5.48 19.56
N ASN A 212 20.50 -5.55 19.95
CA ASN A 212 19.81 -6.82 20.13
C ASN A 212 19.16 -7.44 18.88
N ILE A 213 19.33 -6.85 17.70
CA ILE A 213 18.67 -7.41 16.53
C ILE A 213 19.65 -7.94 15.49
N GLU A 214 19.46 -9.20 15.09
CA GLU A 214 20.28 -9.80 14.05
C GLU A 214 19.44 -10.00 12.81
N VAL A 215 20.00 -9.64 11.66
CA VAL A 215 19.30 -9.81 10.39
C VAL A 215 20.04 -10.73 9.43
N ARG A 216 19.33 -11.73 8.92
CA ARG A 216 19.90 -12.59 7.90
C ARG A 216 19.16 -12.40 6.59
N LEU A 217 19.74 -11.63 5.68
CA LEU A 217 19.12 -11.46 4.36
C LEU A 217 19.32 -12.73 3.53
N ASP A 218 18.51 -12.89 2.48
CA ASP A 218 18.60 -14.04 1.55
C ASP A 218 18.41 -15.37 2.28
N THR A 219 17.34 -15.49 3.03
CA THR A 219 17.13 -16.69 3.85
C THR A 219 15.64 -17.04 3.88
N ASP A 220 15.26 -18.15 3.27
CA ASP A 220 13.86 -18.56 3.31
C ASP A 220 13.60 -19.27 4.64
N TRP A 221 12.58 -18.83 5.36
CA TRP A 221 12.24 -19.41 6.65
C TRP A 221 12.08 -20.93 6.54
N PHE A 222 11.42 -21.38 5.46
CA PHE A 222 11.05 -22.78 5.33
C PHE A 222 12.26 -23.69 5.08
N GLU A 223 13.37 -23.10 4.66
CA GLU A 223 14.62 -23.85 4.52
C GLU A 223 15.44 -23.89 5.81
N VAL A 224 15.20 -22.96 6.73
CA VAL A 224 16.00 -22.90 7.96
C VAL A 224 15.19 -23.07 9.25
N ARG A 225 13.88 -23.24 9.16
CA ARG A 225 13.05 -23.22 10.37
C ARG A 225 13.37 -24.33 11.38
N GLU A 226 13.76 -25.49 10.89
CA GLU A 226 13.87 -26.64 11.75
C GLU A 226 15.20 -26.55 12.48
N ASP A 227 16.20 -26.08 11.75
CA ASP A 227 17.49 -25.77 12.32
C ASP A 227 17.40 -24.71 13.44
N LEU A 228 16.71 -23.60 13.14
CA LEU A 228 16.73 -22.46 14.05
C LEU A 228 15.92 -22.70 15.29
N ARG A 229 14.76 -23.33 15.14
CA ARG A 229 13.91 -23.54 16.32
C ARG A 229 14.57 -24.59 17.22
N ALA A 230 15.42 -25.41 16.63
CA ALA A 230 16.21 -26.37 17.39
C ALA A 230 17.27 -25.70 18.28
N GLN A 231 17.76 -24.53 17.88
CA GLN A 231 18.74 -23.80 18.70
C GLN A 231 18.07 -23.23 19.97
N ASN A 232 16.80 -22.88 19.89
CA ASN A 232 16.04 -22.49 21.09
C ASN A 232 14.55 -22.74 20.92
N PRO A 233 14.09 -23.94 21.32
CA PRO A 233 12.73 -24.45 21.05
C PRO A 233 11.61 -23.58 21.64
N GLU A 234 11.94 -22.78 22.64
CA GLU A 234 10.90 -22.01 23.30
C GLU A 234 10.92 -20.55 22.88
N ALA A 235 11.74 -20.21 21.89
CA ALA A 235 11.65 -18.91 21.24
C ALA A 235 10.43 -18.88 20.34
N PRO A 236 9.58 -17.85 20.48
CA PRO A 236 8.37 -17.71 19.64
C PRO A 236 8.70 -17.17 18.26
N VAL A 237 7.79 -17.38 17.32
CA VAL A 237 7.97 -16.92 15.95
C VAL A 237 6.85 -15.96 15.56
N VAL A 238 7.23 -14.81 15.00
CA VAL A 238 6.28 -13.93 14.32
C VAL A 238 6.43 -14.08 12.81
N TYR A 239 5.49 -14.78 12.19
CA TYR A 239 5.51 -15.04 10.75
C TYR A 239 4.73 -13.98 9.96
N THR A 240 5.39 -13.31 9.02
CA THR A 240 4.71 -12.32 8.21
C THR A 240 4.77 -12.69 6.74
N GLY A 241 5.03 -13.96 6.45
CA GLY A 241 5.02 -14.44 5.08
C GLY A 241 3.61 -14.75 4.58
N PRO A 242 3.48 -15.34 3.39
CA PRO A 242 2.14 -15.65 2.87
C PRO A 242 1.45 -16.72 3.73
N LEU A 243 0.22 -16.41 4.15
CA LEU A 243 -0.55 -17.32 5.01
C LEU A 243 -0.78 -18.71 4.41
N ASP A 244 -1.18 -18.76 3.14
CA ASP A 244 -1.46 -20.04 2.51
C ASP A 244 -0.19 -20.89 2.33
N ARG A 245 0.88 -20.31 1.79
CA ARG A 245 2.14 -21.02 1.57
C ARG A 245 2.68 -21.65 2.86
N TYR A 246 2.33 -21.08 4.00
CA TYR A 246 2.77 -21.64 5.29
C TYR A 246 2.23 -23.05 5.42
N PHE A 247 0.93 -23.19 5.16
CA PHE A 247 0.24 -24.47 5.27
C PHE A 247 0.16 -25.20 3.91
N ASP A 248 1.20 -25.01 3.10
CA ASP A 248 1.42 -25.70 1.82
C ASP A 248 0.17 -25.74 0.92
N TYR A 249 -0.50 -24.59 0.87
CA TYR A 249 -1.69 -24.39 0.05
C TYR A 249 -2.72 -25.50 0.23
N SER A 250 -2.65 -26.18 1.37
CA SER A 250 -3.53 -27.28 1.70
C SER A 250 -5.01 -26.91 1.79
N GLU A 251 -5.37 -25.65 1.55
CA GLU A 251 -6.77 -25.29 1.46
C GLU A 251 -7.05 -24.54 0.18
N GLY A 252 -6.12 -24.60 -0.76
CA GLY A 252 -6.24 -23.87 -2.02
C GLY A 252 -5.48 -22.55 -2.02
N HIS A 253 -5.16 -22.06 -3.22
CA HIS A 253 -4.37 -20.84 -3.38
C HIS A 253 -5.18 -19.55 -3.22
N LEU A 254 -4.75 -18.69 -2.29
CA LEU A 254 -5.38 -17.39 -2.12
C LEU A 254 -5.11 -16.51 -3.35
N GLY A 255 -6.12 -15.75 -3.76
CA GLY A 255 -6.06 -15.03 -5.03
C GLY A 255 -5.71 -13.56 -4.90
N TRP A 256 -4.65 -13.16 -5.60
CA TRP A 256 -4.13 -11.81 -5.48
C TRP A 256 -4.17 -11.08 -6.82
N ARG A 257 -4.31 -9.76 -6.74
CA ARG A 257 -4.10 -8.88 -7.89
C ARG A 257 -2.62 -8.44 -7.86
N THR A 258 -2.01 -8.28 -9.02
CA THR A 258 -0.60 -7.94 -9.05
C THR A 258 -0.36 -6.74 -9.94
N LEU A 259 0.89 -6.30 -9.98
CA LEU A 259 1.26 -5.08 -10.67
C LEU A 259 2.55 -5.27 -11.41
N ASP A 260 2.59 -4.77 -12.64
CA ASP A 260 3.80 -4.77 -13.45
C ASP A 260 4.24 -3.34 -13.54
N PHE A 261 5.56 -3.11 -13.40
CA PHE A 261 6.11 -1.75 -13.36
C PHE A 261 7.14 -1.46 -14.46
N GLU A 262 6.68 -0.77 -15.50
CA GLU A 262 7.55 -0.37 -16.60
C GLU A 262 8.30 0.94 -16.31
N THR A 263 9.58 0.83 -15.99
CA THR A 263 10.41 1.97 -15.57
C THR A 263 11.39 2.51 -16.62
N GLU A 264 11.19 3.72 -17.11
CA GLU A 264 12.10 4.30 -18.12
C GLU A 264 12.92 5.49 -17.59
N VAL A 265 14.11 5.73 -18.16
CA VAL A 265 14.83 6.97 -17.90
C VAL A 265 14.76 7.88 -19.11
N LEU A 266 14.04 8.99 -19.00
CA LEU A 266 13.87 9.89 -20.14
C LEU A 266 14.92 11.00 -20.11
N ASN A 267 15.24 11.53 -21.30
CA ASN A 267 16.24 12.59 -21.41
C ASN A 267 15.55 13.95 -21.43
N THR A 268 14.86 14.22 -20.33
CA THR A 268 14.32 15.52 -20.03
C THR A 268 14.38 15.64 -18.52
N GLY A 269 14.45 16.87 -18.03
CA GLY A 269 14.42 17.11 -16.61
C GLY A 269 13.04 17.04 -15.98
N ASP A 270 12.00 17.05 -16.82
CA ASP A 270 10.62 17.14 -16.31
C ASP A 270 9.60 16.60 -17.31
N PHE A 271 9.05 15.44 -17.01
CA PHE A 271 8.14 14.76 -17.94
C PHE A 271 6.66 15.17 -17.83
N GLN A 272 6.20 15.52 -16.64
CA GLN A 272 4.78 15.86 -16.47
C GLN A 272 4.53 16.87 -15.33
N GLY A 273 5.62 17.32 -14.71
CA GLY A 273 5.57 18.41 -13.75
C GLY A 273 4.67 18.13 -12.57
N THR A 274 4.57 16.85 -12.22
CA THR A 274 3.75 16.44 -11.11
C THR A 274 4.15 15.01 -10.74
N PRO A 275 4.03 14.65 -9.45
CA PRO A 275 4.38 13.29 -9.00
C PRO A 275 3.59 12.21 -9.75
N VAL A 276 2.27 12.28 -9.68
CA VAL A 276 1.44 11.21 -10.20
C VAL A 276 0.38 11.72 -11.14
N MET A 277 0.33 11.13 -12.32
CA MET A 277 -0.70 11.43 -13.30
C MET A 277 -1.54 10.20 -13.56
N ASN A 278 -2.81 10.24 -13.19
CA ASN A 278 -3.72 9.14 -13.49
C ASN A 278 -4.12 9.21 -14.95
N TYR A 279 -4.22 8.05 -15.61
CA TYR A 279 -4.77 8.01 -16.96
C TYR A 279 -6.12 7.29 -16.94
N ASN A 280 -7.18 8.01 -17.27
CA ASN A 280 -8.52 7.45 -17.09
C ASN A 280 -9.17 6.90 -18.32
N ASP A 281 -8.46 6.90 -19.46
CA ASP A 281 -9.01 6.43 -20.72
C ASP A 281 -8.47 5.07 -21.11
N ALA A 282 -9.31 4.31 -21.81
CA ALA A 282 -8.95 2.97 -22.27
C ALA A 282 -7.78 2.99 -23.25
N GLU A 283 -7.67 4.05 -24.04
CA GLU A 283 -6.58 4.18 -25.04
C GLU A 283 -5.21 3.82 -24.41
N PHE A 284 -5.07 4.01 -23.10
CA PHE A 284 -3.80 3.74 -22.41
C PHE A 284 -3.83 2.49 -21.54
N PRO A 285 -2.83 1.59 -21.73
CA PRO A 285 -2.70 0.31 -20.99
C PRO A 285 -2.56 0.54 -19.48
N TYR A 286 -1.72 1.50 -19.10
CA TYR A 286 -1.42 1.76 -17.69
C TYR A 286 -2.47 2.60 -16.94
N THR A 287 -2.56 2.39 -15.63
CA THR A 287 -3.46 3.16 -14.79
C THR A 287 -2.89 4.54 -14.52
N ARG A 288 -1.57 4.61 -14.34
CA ARG A 288 -0.94 5.90 -14.02
C ARG A 288 0.57 5.91 -14.24
N ILE A 289 1.14 7.10 -14.28
CA ILE A 289 2.58 7.29 -14.40
C ILE A 289 3.15 8.06 -13.22
N HIS A 290 4.12 7.47 -12.55
CA HIS A 290 4.82 8.12 -11.45
C HIS A 290 6.09 8.80 -11.93
N GLU A 291 6.33 10.05 -11.53
CA GLU A 291 7.62 10.67 -11.87
C GLU A 291 8.36 11.01 -10.59
N PHE A 292 9.30 10.15 -10.20
CA PHE A 292 9.79 10.12 -8.81
C PHE A 292 10.55 11.34 -8.31
N ARG A 293 11.13 12.14 -9.21
CA ARG A 293 11.86 13.29 -8.72
C ARG A 293 10.90 14.24 -7.98
N HIS A 294 9.63 14.25 -8.37
CA HIS A 294 8.70 15.21 -7.78
C HIS A 294 8.26 14.81 -6.38
N PHE A 295 8.54 13.56 -6.01
CA PHE A 295 8.27 13.15 -4.65
C PHE A 295 9.21 13.85 -3.68
N HIS A 296 10.37 14.29 -4.17
CA HIS A 296 11.34 14.92 -3.28
C HIS A 296 11.93 16.22 -3.84
N PRO A 297 11.11 17.26 -4.03
CA PRO A 297 11.64 18.48 -4.66
C PRO A 297 12.70 19.22 -3.82
N GLU A 298 12.85 18.83 -2.56
CA GLU A 298 13.84 19.46 -1.71
C GLU A 298 15.22 18.94 -2.07
N ARG A 299 15.28 18.07 -3.08
CA ARG A 299 16.54 17.50 -3.54
C ARG A 299 16.94 17.99 -4.93
N GLU A 300 16.30 19.04 -5.46
CA GLU A 300 16.42 19.34 -6.89
C GLU A 300 17.87 19.57 -7.30
N ASP A 301 18.74 19.89 -6.33
CA ASP A 301 20.16 20.07 -6.63
C ASP A 301 21.01 18.84 -6.24
N ARG A 302 20.41 17.66 -6.36
CA ARG A 302 21.12 16.38 -6.27
C ARG A 302 20.55 15.53 -7.39
N HIS A 303 19.64 16.12 -8.14
CA HIS A 303 18.96 15.45 -9.24
C HIS A 303 19.56 15.91 -10.55
N PRO A 304 19.66 14.98 -11.52
CA PRO A 304 20.01 15.30 -12.91
C PRO A 304 19.21 16.48 -13.45
N LYS A 305 19.85 17.33 -14.23
CA LYS A 305 19.17 18.50 -14.78
C LYS A 305 18.33 18.17 -15.99
N ASP A 306 18.73 17.16 -16.76
CA ASP A 306 18.05 16.89 -18.01
C ASP A 306 17.68 15.43 -18.17
N LYS A 307 17.64 14.72 -17.06
CA LYS A 307 17.14 13.36 -17.06
C LYS A 307 16.08 13.23 -15.98
N THR A 308 15.12 12.34 -16.17
CA THR A 308 14.15 12.03 -15.13
C THR A 308 13.73 10.57 -15.21
N VAL A 309 13.47 9.94 -14.07
CA VAL A 309 12.94 8.57 -14.08
C VAL A 309 11.43 8.56 -13.99
N ILE A 310 10.76 7.85 -14.89
CA ILE A 310 9.32 7.69 -14.73
C ILE A 310 9.03 6.22 -14.63
N MET A 311 7.77 5.86 -14.42
CA MET A 311 7.40 4.47 -14.15
C MET A 311 5.91 4.28 -14.38
N LYS A 312 5.55 3.48 -15.38
CA LYS A 312 4.15 3.25 -15.68
C LYS A 312 3.68 2.01 -14.94
N GLU A 313 2.45 2.08 -14.40
CA GLU A 313 1.88 1.03 -13.56
C GLU A 313 0.79 0.25 -14.31
N TYR A 314 0.97 -1.05 -14.45
CA TYR A 314 -0.04 -1.89 -15.09
C TYR A 314 -0.64 -2.87 -14.09
N SER A 315 -1.93 -3.16 -14.26
CA SER A 315 -2.63 -4.00 -13.31
C SER A 315 -3.13 -5.28 -13.98
N ARG A 316 -3.16 -6.38 -13.22
CA ARG A 316 -3.73 -7.66 -13.66
C ARG A 316 -3.77 -8.65 -12.49
N PHE A 317 -4.06 -9.91 -12.78
CA PHE A 317 -4.15 -10.96 -11.76
C PHE A 317 -2.84 -11.73 -11.63
N ALA A 318 -2.65 -12.35 -10.48
CA ALA A 318 -1.37 -12.95 -10.19
C ALA A 318 -1.32 -14.43 -10.56
N GLU A 319 -0.43 -14.78 -11.49
CA GLU A 319 0.02 -16.16 -11.66
C GLU A 319 1.05 -16.42 -10.53
N GLU A 320 1.39 -17.67 -10.22
CA GLU A 320 2.43 -17.84 -9.18
C GLU A 320 3.76 -17.35 -9.75
N GLY A 321 4.57 -16.73 -8.89
CA GLY A 321 5.84 -16.19 -9.29
C GLY A 321 5.66 -14.70 -9.24
N ASP A 322 4.48 -14.27 -9.69
CA ASP A 322 4.10 -12.87 -9.61
C ASP A 322 3.98 -12.44 -8.17
N GLU A 323 4.45 -11.23 -7.89
CA GLU A 323 4.26 -10.63 -6.57
C GLU A 323 2.78 -10.43 -6.22
N PRO A 324 2.41 -10.82 -5.00
CA PRO A 324 1.07 -10.48 -4.50
C PRO A 324 1.03 -9.02 -4.05
N TYR A 325 0.02 -8.26 -4.46
CA TYR A 325 -0.10 -6.88 -4.04
C TYR A 325 -1.40 -6.59 -3.29
N TYR A 326 -2.51 -6.70 -4.01
CA TYR A 326 -3.83 -6.45 -3.44
C TYR A 326 -4.69 -7.72 -3.35
N PRO A 327 -5.23 -8.01 -2.15
CA PRO A 327 -6.10 -9.19 -2.00
C PRO A 327 -7.30 -9.04 -2.90
N ILE A 328 -7.77 -10.11 -3.56
CA ILE A 328 -8.90 -9.98 -4.48
C ILE A 328 -10.24 -10.07 -3.75
N ASN A 329 -10.36 -11.07 -2.89
CA ASN A 329 -11.54 -11.28 -2.05
C ASN A 329 -12.80 -11.69 -2.80
N THR A 330 -12.65 -12.59 -3.79
CA THR A 330 -13.78 -13.36 -4.26
C THR A 330 -14.41 -13.98 -3.02
N PRO A 331 -15.72 -14.16 -2.99
CA PRO A 331 -16.22 -14.80 -1.76
C PRO A 331 -15.68 -16.24 -1.65
N SER A 332 -15.33 -16.84 -2.78
CA SER A 332 -14.61 -18.12 -2.77
C SER A 332 -13.25 -17.97 -2.06
N ASP A 333 -12.67 -16.77 -2.15
CA ASP A 333 -11.40 -16.45 -1.50
C ASP A 333 -11.55 -16.25 0.01
N ARG A 334 -12.57 -15.48 0.41
CA ARG A 334 -12.83 -15.21 1.83
C ARG A 334 -13.20 -16.51 2.53
N GLU A 335 -13.50 -17.52 1.73
CA GLU A 335 -13.84 -18.85 2.22
C GLU A 335 -12.61 -19.61 2.69
N MET A 336 -11.65 -19.83 1.79
CA MET A 336 -10.47 -20.58 2.20
C MET A 336 -9.64 -19.78 3.21
N LEU A 337 -9.91 -18.48 3.32
CA LEU A 337 -9.33 -17.64 4.38
C LEU A 337 -9.75 -18.12 5.77
N PHE A 338 -11.05 -18.14 6.03
CA PHE A 338 -11.59 -18.54 7.35
C PHE A 338 -10.99 -19.86 7.82
N LYS A 339 -10.84 -20.81 6.90
CA LYS A 339 -10.28 -22.10 7.27
C LYS A 339 -8.81 -21.97 7.64
N TYR A 340 -8.09 -21.13 6.92
CA TYR A 340 -6.67 -20.83 7.22
C TYR A 340 -6.49 -20.09 8.57
N ARG A 341 -7.44 -19.24 8.95
CA ARG A 341 -7.36 -18.58 10.25
C ARG A 341 -7.46 -19.58 11.39
N GLU A 342 -8.14 -20.69 11.18
CA GLU A 342 -8.26 -21.62 12.29
C GLU A 342 -7.07 -22.55 12.30
N LEU A 343 -6.49 -22.77 11.13
CA LEU A 343 -5.17 -23.41 11.06
C LEU A 343 -4.11 -22.58 11.82
N ALA A 344 -4.11 -21.28 11.60
CA ALA A 344 -3.13 -20.41 12.22
C ALA A 344 -3.27 -20.38 13.74
N ASP A 345 -4.51 -20.22 14.22
CA ASP A 345 -4.82 -20.16 15.66
C ASP A 345 -4.32 -21.38 16.41
N ALA A 346 -4.51 -22.54 15.79
CA ALA A 346 -4.08 -23.82 16.34
C ALA A 346 -2.56 -23.88 16.38
N GLU A 347 -1.98 -23.58 15.24
CA GLU A 347 -0.55 -23.47 15.07
C GLU A 347 0.07 -22.48 16.07
N THR A 348 -0.61 -21.37 16.30
CA THR A 348 -0.18 -20.45 17.34
C THR A 348 -0.19 -21.12 18.71
N GLU A 349 -1.22 -21.90 19.01
CA GLU A 349 -1.34 -22.49 20.35
C GLU A 349 -0.39 -23.69 20.57
N SER A 350 -0.06 -24.41 19.51
CA SER A 350 0.80 -25.58 19.67
C SER A 350 2.29 -25.31 19.36
N GLY A 351 2.57 -24.26 18.59
CA GLY A 351 3.92 -24.02 18.09
C GLY A 351 4.52 -22.67 18.42
N LYS A 352 3.74 -21.83 19.12
CA LYS A 352 4.16 -20.47 19.46
C LYS A 352 4.54 -19.71 18.18
N VAL A 353 3.72 -19.84 17.14
CA VAL A 353 3.94 -19.17 15.87
C VAL A 353 2.81 -18.19 15.56
N TYR A 354 3.12 -16.90 15.70
CA TYR A 354 2.14 -15.84 15.52
C TYR A 354 2.06 -15.32 14.07
N PHE A 355 0.85 -15.09 13.55
CA PHE A 355 0.68 -14.63 12.16
C PHE A 355 0.27 -13.16 12.07
N GLY A 356 1.06 -12.36 11.36
CA GLY A 356 0.76 -10.94 11.21
C GLY A 356 1.07 -10.39 9.84
N GLY A 357 0.76 -9.10 9.64
CA GLY A 357 1.15 -8.41 8.43
C GLY A 357 0.34 -8.70 7.19
N ARG A 358 0.59 -7.90 6.17
CA ARG A 358 -0.04 -7.98 4.86
C ARG A 358 -0.19 -9.40 4.32
N LEU A 359 0.91 -10.15 4.22
CA LEU A 359 0.81 -11.46 3.59
C LEU A 359 0.26 -12.49 4.58
N GLY A 360 0.58 -12.34 5.86
CA GLY A 360 0.27 -13.36 6.84
C GLY A 360 -1.18 -13.35 7.25
N THR A 361 -1.93 -12.35 6.80
CA THR A 361 -3.30 -12.26 7.24
C THR A 361 -4.22 -11.99 6.05
N TYR A 362 -3.63 -11.87 4.85
CA TYR A 362 -4.39 -11.69 3.61
C TYR A 362 -5.27 -10.46 3.71
N GLN A 363 -4.63 -9.34 3.90
CA GLN A 363 -5.32 -8.15 4.28
C GLN A 363 -4.55 -7.02 3.61
N TYR A 364 -5.22 -5.97 3.16
CA TYR A 364 -4.43 -4.86 2.69
C TYR A 364 -4.16 -3.95 3.86
N LEU A 365 -2.92 -3.50 3.99
CA LEU A 365 -2.60 -2.56 5.06
C LEU A 365 -1.84 -1.37 4.54
N ASP A 366 -2.33 -0.19 4.84
CA ASP A 366 -1.49 0.98 4.76
C ASP A 366 -0.33 0.78 5.72
N MET A 367 0.72 1.54 5.50
CA MET A 367 1.88 1.43 6.34
C MET A 367 1.55 1.71 7.79
N HIS A 368 0.79 2.77 8.04
CA HIS A 368 0.51 3.13 9.42
C HIS A 368 -0.39 2.08 10.04
N MET A 369 -1.23 1.46 9.21
CA MET A 369 -2.12 0.41 9.71
C MET A 369 -1.34 -0.84 10.11
N ALA A 370 -0.36 -1.21 9.28
CA ALA A 370 0.55 -2.33 9.56
C ALA A 370 1.34 -2.08 10.84
N ILE A 371 1.95 -0.92 10.95
CA ILE A 371 2.65 -0.54 12.18
C ILE A 371 1.74 -0.58 13.42
N ALA A 372 0.51 -0.11 13.28
CA ALA A 372 -0.41 -0.12 14.42
C ALA A 372 -0.79 -1.57 14.76
N SER A 373 -0.93 -2.42 13.74
CA SER A 373 -1.32 -3.80 13.95
C SER A 373 -0.22 -4.58 14.64
N ALA A 374 1.03 -4.22 14.31
CA ALA A 374 2.20 -4.81 14.93
C ALA A 374 2.34 -4.35 16.37
N LEU A 375 2.14 -3.06 16.63
CA LEU A 375 2.19 -2.53 18.00
C LEU A 375 1.10 -3.16 18.85
N SER A 376 -0.06 -3.41 18.24
CA SER A 376 -1.15 -4.09 18.93
C SER A 376 -0.69 -5.49 19.34
N MET A 377 -0.34 -6.32 18.36
CA MET A 377 0.15 -7.68 18.63
C MET A 377 1.31 -7.71 19.63
N PHE A 378 2.18 -6.70 19.60
CA PHE A 378 3.25 -6.64 20.58
C PHE A 378 2.71 -6.55 22.00
N ASP A 379 1.93 -5.51 22.27
CA ASP A 379 1.38 -5.26 23.60
C ASP A 379 0.43 -6.37 24.09
N ASN A 380 -0.43 -6.86 23.21
CA ASN A 380 -1.52 -7.77 23.61
C ASN A 380 -1.13 -9.26 23.59
N LYS A 381 -0.34 -9.69 22.61
CA LYS A 381 0.10 -11.09 22.59
C LYS A 381 1.59 -11.31 22.99
N LEU A 382 2.50 -10.46 22.54
CA LEU A 382 3.90 -10.85 22.60
C LEU A 382 4.57 -10.59 23.93
N VAL A 383 4.19 -9.52 24.61
CA VAL A 383 4.75 -9.27 25.94
C VAL A 383 4.61 -10.48 26.89
N ASP A 384 3.45 -11.12 26.89
CA ASP A 384 3.25 -12.35 27.67
C ASP A 384 4.13 -13.48 27.16
N ALA A 385 4.15 -13.64 25.84
CA ALA A 385 4.87 -14.73 25.22
C ALA A 385 6.39 -14.74 25.52
N LEU A 386 6.96 -13.63 26.00
CA LEU A 386 8.39 -13.55 26.23
C LEU A 386 8.77 -13.38 27.71
N LYS A 387 8.04 -14.03 28.61
CA LYS A 387 8.26 -13.82 30.05
C LYS A 387 8.65 -15.09 30.84
PA FDA B . 5.71 -6.77 3.54
O1A FDA B . 5.25 -7.34 2.26
O2A FDA B . 6.21 -5.34 3.37
O5B FDA B . 6.86 -7.59 4.34
C5B FDA B . 6.90 -9.03 4.26
C4B FDA B . 8.35 -9.43 4.15
O4B FDA B . 8.49 -10.84 4.42
C3B FDA B . 9.01 -9.19 2.79
O3B FDA B . 10.30 -8.59 2.95
C2B FDA B . 9.11 -10.61 2.21
O2B FDA B . 10.21 -10.78 1.33
C1B FDA B . 9.36 -11.40 3.47
N9A FDA B . 9.06 -12.83 3.35
C8A FDA B . 7.95 -13.39 2.79
N7A FDA B . 7.94 -14.70 2.83
C5A FDA B . 9.13 -15.02 3.46
C6A FDA B . 9.70 -16.25 3.85
N6A FDA B . 9.20 -17.44 3.53
N1A FDA B . 10.86 -16.22 4.54
C2A FDA B . 11.42 -15.03 4.79
N3A FDA B . 10.99 -13.81 4.45
C4A FDA B . 9.83 -13.87 3.79
N1 FDA B . 0.77 2.11 2.31
C2 FDA B . 0.59 3.43 2.67
O2 FDA B . 0.33 3.75 3.82
N3 FDA B . 0.75 4.35 1.66
C4 FDA B . 1.07 4.11 0.34
O4 FDA B . 1.18 5.04 -0.46
C4X FDA B . 1.25 2.72 0.04
N5 FDA B . 1.57 2.29 -1.23
C5X FDA B . 1.40 0.94 -1.58
C6 FDA B . 1.35 0.53 -2.91
C7 FDA B . 1.14 -0.82 -3.23
C7M FDA B . 1.14 -1.23 -4.67
C8 FDA B . 0.95 -1.76 -2.20
C8M FDA B . 0.64 -3.20 -2.52
C9 FDA B . 1.02 -1.35 -0.88
C9A FDA B . 1.27 -0.02 -0.57
N10 FDA B . 1.44 0.40 0.76
C10 FDA B . 1.12 1.78 1.04
C1' FDA B . 1.28 -0.60 1.83
C2' FDA B . 2.60 -1.18 2.30
O2' FDA B . 3.26 -1.87 1.24
C3' FDA B . 2.32 -2.13 3.45
O3' FDA B . 1.79 -1.36 4.52
C4' FDA B . 3.53 -2.91 3.96
O4' FDA B . 4.09 -3.65 2.89
C5' FDA B . 3.14 -3.87 5.05
O5' FDA B . 4.36 -4.41 5.59
P FDA B . 4.32 -5.96 5.96
O1P FDA B . 5.37 -6.21 6.97
O2P FDA B . 2.97 -6.31 6.51
O3P FDA B . 4.54 -6.80 4.63
C1' UD1 C . -5.81 2.25 -3.21
C2' UD1 C . -6.66 1.48 -2.21
C3' UD1 C . -6.49 2.06 -0.81
C4' UD1 C . -5.01 2.16 -0.45
C5' UD1 C . -4.21 2.85 -1.56
C6' UD1 C . -2.70 2.86 -1.34
C7' UD1 C . -8.73 0.25 -2.76
C8' UD1 C . -10.17 0.37 -3.20
N2' UD1 C . -8.06 1.41 -2.60
O1' UD1 C . -6.13 3.64 -3.29
O3' UD1 C . -7.18 1.24 0.13
O4' UD1 C . -4.84 2.89 0.76
O5' UD1 C . -4.44 2.21 -2.83
O6' UD1 C . -2.07 1.71 -1.91
O7' UD1 C . -8.20 -0.84 -2.57
N1 UD1 C . -10.82 5.52 -8.86
C2 UD1 C . -11.35 5.98 -10.05
N3 UD1 C . -10.59 6.92 -10.71
C4 UD1 C . -9.37 7.43 -10.30
C5 UD1 C . -8.91 6.95 -9.04
C6 UD1 C . -9.63 6.03 -8.38
O2 UD1 C . -12.42 5.60 -10.50
O4 UD1 C . -8.76 8.23 -11.05
C1B UD1 C . -11.55 4.45 -8.16
C2B UD1 C . -11.48 3.08 -8.87
O2' UD1 C . -12.69 2.35 -8.72
C3B UD1 C . -10.30 2.40 -8.15
C4B UD1 C . -10.42 2.95 -6.72
O4B UD1 C . -10.99 4.28 -6.87
O3B UD1 C . -10.40 0.98 -8.16
C5B UD1 C . -9.11 3.06 -5.98
O5B UD1 C . -8.31 4.00 -6.71
PA UD1 C . -6.70 3.92 -6.75
O1A UD1 C . -6.05 4.43 -7.99
O2A UD1 C . -6.22 2.48 -6.45
O3A UD1 C . -6.34 4.89 -5.54
PB UD1 C . -5.39 4.77 -4.27
O1B UD1 C . -5.27 6.12 -3.67
O2B UD1 C . -4.00 4.24 -4.75
NA NA D . -28.98 9.04 -6.73
C1 IPA E . 16.09 11.96 12.76
C2 IPA E . 15.75 10.62 13.40
C3 IPA E . 16.91 9.63 13.28
O2 IPA E . 15.35 10.83 14.74
C1 IPA F . 9.25 15.94 16.16
C2 IPA F . 8.23 15.10 15.41
C3 IPA F . 7.42 16.01 14.51
O2 IPA F . 7.38 14.35 16.29
C1 IPA G . 7.50 9.00 -23.91
C2 IPA G . 6.80 8.30 -22.76
C3 IPA G . 5.28 8.36 -22.91
O2 IPA G . 7.21 6.96 -22.71
S SO4 H . -12.93 12.84 0.50
O1 SO4 H . -11.76 12.05 0.91
O2 SO4 H . -12.99 12.85 -0.97
O3 SO4 H . -12.82 14.19 1.06
O4 SO4 H . -14.17 12.24 1.05
#